data_4S1I
#
_entry.id   4S1I
#
_cell.length_a   78.173
_cell.length_b   79.014
_cell.length_c   90.697
_cell.angle_alpha   90.00
_cell.angle_beta   90.00
_cell.angle_gamma   90.00
#
_symmetry.space_group_name_H-M   'P 21 2 21'
#
loop_
_entity.id
_entity.type
_entity.pdbx_description
1 polymer 'Pyridoxal kinase'
2 polymer 'Pyridoxal kinase'
3 non-polymer "PYRIDOXAL-5'-PHOSPHATE"
4 non-polymer 'MAGNESIUM ION'
5 water water
#
loop_
_entity_poly.entity_id
_entity_poly.type
_entity_poly.pdbx_seq_one_letter_code
_entity_poly.pdbx_strand_id
1 'polypeptide(L)'
;MTNKVLTISSYVCSGFVGNRCGMIILDSFQIQSIFVLTTHLANHTGYPVVGGSGVLLNDFISIMDSLEVNHLDKDIEFLV
TGYFPSSDLVYETINRVKRIKDNKKVYFLCDPILGDNGKMYTKSEVQDSMKELIKYADIITPNATELSFLTGLEVNSVSE
AIKACHILHEQGIPVILVTSIKEGNDIILLCSFKDTLNNKNFTIKIPRIEGDFTGVGDTLTYILLSWIIKGIPLEHAVNR
AISTLQTILRNTVGTAEINIINCIPYLKGTEESFTITYILEHHHHHH
;
A
2 'polypeptide(L)'
;MTNKVLTISSYVCSGFVGNRCGMIILDSFQIQSIFVLTTHLANHTGYPVVGGSGVLLNDFISIMDSLEVNHLDKDIEFLV
TGYFPSSDLVYETINRVKRIKDNKKVYFLCDPILGDNGKMYTKSEVQDSMKELIKYADIITPNATELSFLTGLEVNSVSE
AIKACHILHEQGIPVILVTSIKEGNDIILLCSFKDTLNNKNFTIKIPRIEGDFTGVGDTLTYILLSWIIKGIPLEHAVNR
AISTLQTILRNTVGTAEINIIN(CME)IPYLKGTEESFTITYILEHHHHHH
;
B
#
# COMPACT_ATOMS: atom_id res chain seq x y z
N MET A 1 -5.78 11.31 -13.52
CA MET A 1 -4.56 10.95 -14.21
C MET A 1 -3.32 11.51 -13.53
N THR A 2 -3.46 12.55 -12.73
CA THR A 2 -2.36 12.98 -11.91
C THR A 2 -2.66 12.77 -10.41
N ASN A 3 -1.66 12.87 -9.59
CA ASN A 3 -1.84 12.67 -8.17
C ASN A 3 -2.58 13.82 -7.58
N LYS A 4 -3.64 13.54 -6.84
CA LYS A 4 -4.45 14.59 -6.22
C LYS A 4 -4.21 14.76 -4.74
N VAL A 5 -3.77 13.66 -4.10
CA VAL A 5 -3.53 13.58 -2.66
C VAL A 5 -2.10 13.19 -2.34
N LEU A 6 -1.49 13.87 -1.37
CA LEU A 6 -0.21 13.50 -0.76
C LEU A 6 -0.50 13.13 0.68
N THR A 7 -0.16 11.89 1.07
CA THR A 7 -0.44 11.42 2.43
C THR A 7 0.83 10.88 3.08
N ILE A 8 1.14 11.43 4.24
CA ILE A 8 2.38 11.19 4.98
C ILE A 8 2.02 10.53 6.29
N SER A 9 2.31 9.24 6.43
CA SER A 9 1.99 8.51 7.63
C SER A 9 2.77 7.19 7.67
N SER A 10 2.47 6.40 8.68
CA SER A 10 3.19 5.16 8.92
C SER A 10 2.89 4.03 8.00
N TYR A 11 3.79 3.05 7.93
CA TYR A 11 3.58 1.83 7.14
C TYR A 11 3.89 0.63 7.97
N VAL A 12 3.02 -0.36 7.89
CA VAL A 12 3.27 -1.68 8.49
C VAL A 12 3.15 -2.75 7.40
N CYS A 13 3.99 -3.77 7.39
CA CYS A 13 4.01 -4.82 6.41
C CYS A 13 2.78 -5.71 6.50
N SER A 14 2.37 -5.95 7.77
CA SER A 14 1.19 -6.81 8.11
C SER A 14 0.29 -5.85 8.91
N GLY A 15 -1.03 -5.94 8.68
CA GLY A 15 -2.04 -5.20 9.46
C GLY A 15 -2.36 -3.83 8.81
N PHE A 16 -3.28 -3.10 9.46
CA PHE A 16 -3.91 -1.96 8.84
C PHE A 16 -3.84 -0.83 9.83
N VAL A 17 -2.82 0.02 9.75
CA VAL A 17 -2.78 1.25 10.47
C VAL A 17 -2.20 2.26 9.49
N GLY A 18 -2.32 3.54 9.83
CA GLY A 18 -1.65 4.63 9.12
C GLY A 18 -1.84 4.67 7.60
N ASN A 19 -0.72 4.82 6.87
CA ASN A 19 -0.80 4.89 5.42
C ASN A 19 -1.22 3.58 4.79
N ARG A 20 -1.12 2.44 5.50
CA ARG A 20 -1.56 1.24 4.87
C ARG A 20 -3.15 1.21 4.81
N CYS A 21 -3.84 1.70 5.86
CA CYS A 21 -5.27 1.96 5.78
C CYS A 21 -5.57 2.97 4.69
N GLY A 22 -4.76 4.00 4.67
CA GLY A 22 -4.90 5.04 3.57
C GLY A 22 -4.88 4.41 2.20
N MET A 23 -3.95 3.54 1.95
CA MET A 23 -3.80 2.93 0.67
C MET A 23 -5.02 2.17 0.28
N ILE A 24 -5.53 1.32 1.14
CA ILE A 24 -6.64 0.47 0.81
C ILE A 24 -7.89 1.33 0.50
N ILE A 25 -8.12 2.33 1.35
CA ILE A 25 -9.30 3.16 1.22
C ILE A 25 -9.21 4.09 0.00
N LEU A 26 -8.13 4.84 -0.09
CA LEU A 26 -8.02 5.80 -1.26
C LEU A 26 -7.94 5.01 -2.57
N ASP A 27 -7.29 3.85 -2.59
CA ASP A 27 -7.26 3.03 -3.82
C ASP A 27 -8.68 2.59 -4.18
N SER A 28 -9.44 2.13 -3.16
CA SER A 28 -10.78 1.66 -3.41
C SER A 28 -11.76 2.75 -3.90
N PHE A 29 -11.60 3.98 -3.38
CA PHE A 29 -12.26 5.15 -3.92
C PHE A 29 -11.69 5.69 -5.23
N GLN A 30 -10.62 5.07 -5.72
CA GLN A 30 -10.01 5.41 -6.98
C GLN A 30 -9.50 6.86 -7.00
N ILE A 31 -8.95 7.29 -5.88
CA ILE A 31 -8.36 8.62 -5.71
C ILE A 31 -6.85 8.47 -5.82
N GLN A 32 -6.30 9.15 -6.78
CA GLN A 32 -4.91 9.09 -7.05
C GLN A 32 -4.10 9.80 -6.05
N SER A 33 -3.19 9.05 -5.48
CA SER A 33 -2.52 9.50 -4.25
C SER A 33 -1.08 9.11 -4.18
N ILE A 34 -0.26 9.98 -3.59
CA ILE A 34 1.12 9.68 -3.23
C ILE A 34 1.18 9.29 -1.78
N PHE A 35 1.75 8.13 -1.50
CA PHE A 35 1.96 7.62 -0.13
C PHE A 35 3.40 7.66 0.30
N VAL A 36 3.74 8.69 1.08
CA VAL A 36 5.13 8.87 1.59
C VAL A 36 5.09 8.26 3.01
N LEU A 37 5.97 7.31 3.24
CA LEU A 37 5.99 6.55 4.49
C LEU A 37 6.84 7.17 5.58
N THR A 38 6.41 7.10 6.80
CA THR A 38 7.19 7.63 7.94
C THR A 38 7.84 6.53 8.75
N THR A 39 7.45 5.27 8.46
CA THR A 39 8.01 4.10 9.06
C THR A 39 7.97 2.95 8.10
N HIS A 40 8.80 1.95 8.36
CA HIS A 40 8.72 0.68 7.65
C HIS A 40 8.82 -0.40 8.70
N LEU A 41 7.68 -0.77 9.28
CA LEU A 41 7.63 -1.61 10.38
C LEU A 41 7.00 -2.98 9.96
N ALA A 42 7.33 -4.04 10.64
CA ALA A 42 6.74 -5.36 10.38
C ALA A 42 5.30 -5.34 10.69
N ASN A 43 4.95 -4.65 11.75
CA ASN A 43 3.62 -4.78 12.33
C ASN A 43 3.40 -3.52 13.21
N HIS A 44 2.19 -3.27 13.67
CA HIS A 44 1.94 -2.10 14.51
C HIS A 44 2.63 -2.23 15.90
N THR A 45 2.59 -1.11 16.62
CA THR A 45 3.30 -0.98 17.89
C THR A 45 2.68 -1.61 19.11
N GLY A 46 1.50 -2.15 18.97
CA GLY A 46 0.84 -2.94 19.93
C GLY A 46 1.38 -4.33 20.18
N TYR A 47 2.28 -4.85 19.35
CA TYR A 47 2.85 -6.13 19.53
C TYR A 47 4.10 -6.05 20.44
N PRO A 48 4.49 -7.18 21.04
CA PRO A 48 5.66 -7.07 21.93
C PRO A 48 6.98 -6.80 21.23
N VAL A 49 7.08 -7.18 19.96
CA VAL A 49 8.27 -6.97 19.14
C VAL A 49 7.80 -6.16 17.95
N VAL A 50 8.56 -5.10 17.59
CA VAL A 50 8.17 -4.25 16.49
C VAL A 50 9.39 -4.06 15.63
N GLY A 51 9.58 -4.96 14.70
CA GLY A 51 10.75 -4.90 13.82
C GLY A 51 10.65 -3.79 12.82
N GLY A 52 11.82 -3.32 12.38
CA GLY A 52 11.91 -2.24 11.39
C GLY A 52 12.18 -0.90 12.04
N SER A 53 12.30 0.12 11.21
CA SER A 53 12.71 1.44 11.61
C SER A 53 11.76 2.58 11.19
N GLY A 54 11.83 3.65 11.93
CA GLY A 54 11.35 4.93 11.35
C GLY A 54 12.17 5.33 10.18
N VAL A 55 11.50 6.08 9.31
CA VAL A 55 12.18 6.66 8.14
C VAL A 55 13.11 7.82 8.64
N LEU A 56 14.28 7.84 8.05
CA LEU A 56 15.33 8.84 8.40
C LEU A 56 15.07 10.15 7.71
N LEU A 57 15.36 11.22 8.44
CA LEU A 57 15.15 12.60 7.94
C LEU A 57 15.73 12.75 6.57
N ASN A 58 16.95 12.27 6.38
CA ASN A 58 17.60 12.53 5.10
C ASN A 58 16.91 11.79 3.95
N ASP A 59 16.39 10.59 4.20
CA ASP A 59 15.61 9.86 3.19
C ASP A 59 14.26 10.51 2.94
N PHE A 60 13.65 11.07 3.99
CA PHE A 60 12.34 11.75 3.85
C PHE A 60 12.53 13.01 2.98
N ILE A 61 13.58 13.74 3.28
CA ILE A 61 13.96 14.96 2.47
C ILE A 61 14.19 14.53 1.02
N SER A 62 15.01 13.54 0.83
CA SER A 62 15.31 13.03 -0.52
C SER A 62 14.03 12.71 -1.33
N ILE A 63 13.11 12.02 -0.66
CA ILE A 63 11.86 11.62 -1.28
C ILE A 63 11.05 12.87 -1.69
N MET A 64 10.85 13.74 -0.73
CA MET A 64 10.06 14.94 -1.00
C MET A 64 10.68 15.76 -2.13
N ASP A 65 12.00 15.91 -2.07
CA ASP A 65 12.67 16.59 -3.15
C ASP A 65 12.47 15.96 -4.53
N SER A 66 12.49 14.68 -4.63
CA SER A 66 12.34 13.98 -5.89
C SER A 66 10.92 14.11 -6.43
N LEU A 67 9.93 13.97 -5.54
CA LEU A 67 8.55 14.30 -5.95
C LEU A 67 8.39 15.67 -6.59
N GLU A 68 8.98 16.65 -5.93
CA GLU A 68 8.94 18.06 -6.40
C GLU A 68 9.61 18.30 -7.77
N VAL A 69 10.82 17.81 -7.90
CA VAL A 69 11.64 18.05 -9.03
C VAL A 69 11.13 17.29 -10.25
N ASN A 70 10.46 16.16 -10.04
CA ASN A 70 9.88 15.43 -11.12
C ASN A 70 8.43 15.86 -11.39
N HIS A 71 7.90 16.83 -10.66
CA HIS A 71 6.60 17.40 -10.88
C HIS A 71 5.48 16.40 -10.62
N LEU A 72 5.73 15.42 -9.73
CA LEU A 72 4.74 14.47 -9.39
C LEU A 72 3.74 14.98 -8.36
N ASP A 73 4.06 16.08 -7.72
CA ASP A 73 3.13 16.82 -6.89
C ASP A 73 2.43 18.05 -7.48
N LYS A 74 2.55 18.25 -8.78
CA LYS A 74 2.13 19.48 -9.43
C LYS A 74 0.64 19.73 -9.31
N ASP A 75 -0.16 18.63 -9.15
CA ASP A 75 -1.60 18.78 -9.13
C ASP A 75 -2.24 18.39 -7.78
N ILE A 76 -1.43 18.32 -6.73
CA ILE A 76 -1.98 18.01 -5.41
C ILE A 76 -2.94 19.05 -4.97
N GLU A 77 -4.09 18.59 -4.53
CA GLU A 77 -5.11 19.44 -3.96
C GLU A 77 -5.41 19.14 -2.49
N PHE A 78 -4.91 18.00 -1.98
CA PHE A 78 -5.17 17.52 -0.65
C PHE A 78 -3.89 16.99 -0.04
N LEU A 79 -3.70 17.31 1.23
CA LEU A 79 -2.56 16.81 1.98
C LEU A 79 -3.11 16.17 3.24
N VAL A 80 -2.53 15.02 3.61
CA VAL A 80 -2.95 14.39 4.89
C VAL A 80 -1.67 13.99 5.60
N THR A 81 -1.64 14.19 6.92
CA THR A 81 -0.59 13.67 7.74
C THR A 81 -1.20 12.84 8.84
N GLY A 82 -0.41 11.87 9.31
CA GLY A 82 -0.78 10.98 10.35
C GLY A 82 0.35 10.74 11.34
N TYR A 83 0.75 9.51 11.39
CA TYR A 83 1.75 9.10 12.38
C TYR A 83 3.19 9.42 12.03
N PHE A 84 3.92 10.02 12.98
CA PHE A 84 5.40 10.25 12.86
C PHE A 84 6.14 9.59 14.04
N PRO A 85 7.24 8.92 13.75
CA PRO A 85 8.02 8.29 14.77
C PRO A 85 8.99 9.22 15.45
N SER A 86 9.18 10.41 14.91
CA SER A 86 10.21 11.33 15.40
C SER A 86 9.84 12.75 15.02
N SER A 87 10.21 13.72 15.82
CA SER A 87 9.86 15.11 15.59
C SER A 87 10.59 15.78 14.42
N ASP A 88 11.81 15.33 14.10
CA ASP A 88 12.48 15.88 12.92
C ASP A 88 11.62 15.75 11.65
N LEU A 89 10.89 14.65 11.47
CA LEU A 89 10.06 14.43 10.27
C LEU A 89 8.89 15.42 10.30
N VAL A 90 8.42 15.73 11.52
CA VAL A 90 7.30 16.63 11.72
C VAL A 90 7.74 18.08 11.28
N TYR A 91 8.90 18.53 11.78
CA TYR A 91 9.39 19.86 11.43
C TYR A 91 9.65 19.94 9.95
N GLU A 92 10.14 18.88 9.35
CA GLU A 92 10.38 18.90 7.92
C GLU A 92 9.06 18.97 7.19
N THR A 93 8.05 18.22 7.63
CA THR A 93 6.75 18.28 7.01
C THR A 93 6.14 19.70 7.07
N ILE A 94 6.31 20.41 8.20
CA ILE A 94 5.90 21.78 8.34
C ILE A 94 6.50 22.62 7.24
N ASN A 95 7.82 22.49 7.02
CA ASN A 95 8.48 23.21 5.90
C ASN A 95 7.85 22.91 4.55
N ARG A 96 7.50 21.64 4.35
CA ARG A 96 6.87 21.20 3.11
C ARG A 96 5.45 21.74 2.95
N VAL A 97 4.66 21.68 4.01
CA VAL A 97 3.31 22.27 4.01
C VAL A 97 3.35 23.77 3.72
N LYS A 98 4.26 24.50 4.34
CA LYS A 98 4.41 25.91 4.10
C LYS A 98 4.69 26.23 2.62
N ARG A 99 5.61 25.49 2.02
CA ARG A 99 5.98 25.66 0.63
C ARG A 99 4.84 25.22 -0.30
N ILE A 100 4.10 24.18 0.06
CA ILE A 100 2.92 23.80 -0.74
C ILE A 100 1.90 24.94 -0.69
N LYS A 101 1.55 25.40 0.48
CA LYS A 101 0.48 26.35 0.63
C LYS A 101 0.84 27.74 0.10
N ASP A 102 2.11 28.13 0.15
CA ASP A 102 2.67 29.36 -0.57
C ASP A 102 2.49 29.43 -2.06
N ASN A 103 2.45 28.26 -2.70
CA ASN A 103 2.40 28.14 -4.13
C ASN A 103 0.93 28.09 -4.60
N LYS A 104 0.09 27.32 -3.92
CA LYS A 104 -1.29 27.04 -4.33
C LYS A 104 -2.22 26.71 -3.15
N LYS A 105 -3.53 26.50 -3.41
CA LYS A 105 -4.43 26.13 -2.31
C LYS A 105 -4.59 24.62 -2.24
N VAL A 106 -4.33 24.08 -1.09
CA VAL A 106 -4.33 22.65 -0.86
C VAL A 106 -5.01 22.48 0.46
N TYR A 107 -5.93 21.53 0.56
CA TYR A 107 -6.68 21.35 1.76
C TYR A 107 -5.94 20.27 2.57
N PHE A 108 -5.53 20.65 3.77
CA PHE A 108 -4.70 19.83 4.64
C PHE A 108 -5.53 19.30 5.80
N LEU A 109 -5.69 17.98 5.80
CA LEU A 109 -6.28 17.28 6.95
C LEU A 109 -5.16 16.69 7.78
N CYS A 110 -5.02 17.15 9.02
CA CYS A 110 -3.99 16.66 9.91
C CYS A 110 -4.70 15.73 10.87
N ASP A 111 -4.31 14.47 10.85
CA ASP A 111 -4.81 13.53 11.84
C ASP A 111 -3.67 13.48 12.89
N PRO A 112 -3.88 14.10 14.07
CA PRO A 112 -2.74 14.36 14.98
C PRO A 112 -2.55 13.15 15.86
N ILE A 113 -1.99 12.08 15.25
CA ILE A 113 -1.91 10.81 15.85
C ILE A 113 -0.89 10.82 16.98
N LEU A 114 -1.37 10.75 18.21
CA LEU A 114 -0.55 10.73 19.40
C LEU A 114 -0.84 9.66 20.39
N GLY A 115 -2.07 9.22 20.53
CA GLY A 115 -2.44 8.37 21.63
C GLY A 115 -3.90 8.12 21.65
N ASP A 116 -4.33 7.25 22.54
CA ASP A 116 -5.77 7.01 22.61
C ASP A 116 -6.10 6.45 24.00
N ASN A 117 -7.36 6.51 24.42
CA ASN A 117 -7.78 6.00 25.77
C ASN A 117 -6.94 6.51 26.94
N GLY A 118 -6.50 7.76 26.84
CA GLY A 118 -5.70 8.38 27.89
C GLY A 118 -4.21 8.06 27.91
N LYS A 119 -3.70 7.23 26.97
CA LYS A 119 -2.26 6.85 26.94
C LYS A 119 -1.62 7.19 25.60
N MET A 120 -0.47 7.84 25.60
CA MET A 120 0.22 8.19 24.35
C MET A 120 0.94 6.94 23.84
N TYR A 121 1.05 6.86 22.52
CA TYR A 121 1.83 5.82 21.89
C TYR A 121 2.80 6.45 20.90
N THR A 122 3.20 7.67 21.19
CA THR A 122 4.14 8.40 20.36
C THR A 122 5.20 8.97 21.29
N LYS A 123 6.36 9.32 20.70
CA LYS A 123 7.37 10.04 21.49
C LYS A 123 6.91 11.40 22.00
N SER A 124 7.37 11.82 23.18
CA SER A 124 7.04 13.15 23.67
C SER A 124 7.47 14.27 22.73
N GLU A 125 8.64 14.10 22.08
CA GLU A 125 9.13 15.13 21.12
C GLU A 125 8.11 15.28 19.99
N VAL A 126 7.44 14.18 19.59
CA VAL A 126 6.41 14.23 18.52
C VAL A 126 5.19 14.98 18.99
N GLN A 127 4.77 14.69 20.21
CA GLN A 127 3.66 15.37 20.83
C GLN A 127 3.80 16.87 20.80
N ASP A 128 4.99 17.35 21.14
CA ASP A 128 5.27 18.75 21.13
C ASP A 128 5.29 19.31 19.73
N SER A 129 5.91 18.61 18.82
CA SER A 129 5.97 19.07 17.43
C SER A 129 4.60 19.09 16.76
N MET A 130 3.69 18.22 17.18
CA MET A 130 2.32 18.21 16.62
C MET A 130 1.50 19.47 16.92
N LYS A 131 1.70 20.06 18.07
CA LYS A 131 1.13 21.36 18.38
C LYS A 131 1.47 22.42 17.31
N GLU A 132 2.67 22.35 16.73
CA GLU A 132 3.02 23.27 15.64
C GLU A 132 2.43 22.86 14.31
N LEU A 133 2.45 21.59 14.02
CA LEU A 133 1.84 21.08 12.78
C LEU A 133 0.36 21.42 12.57
N ILE A 134 -0.47 21.23 13.58
CA ILE A 134 -1.85 21.46 13.46
C ILE A 134 -2.18 22.89 13.10
N LYS A 135 -1.30 23.84 13.43
CA LYS A 135 -1.61 25.26 13.10
C LYS A 135 -1.72 25.51 11.64
N TYR A 136 -1.18 24.63 10.79
CA TYR A 136 -1.27 24.78 9.33
C TYR A 136 -2.43 24.07 8.73
N ALA A 137 -3.15 23.25 9.50
CA ALA A 137 -4.24 22.43 8.95
C ALA A 137 -5.53 23.17 8.71
N ASP A 138 -6.27 22.66 7.75
CA ASP A 138 -7.61 23.12 7.39
C ASP A 138 -8.65 22.42 8.25
N ILE A 139 -8.36 21.18 8.61
CA ILE A 139 -9.25 20.41 9.45
C ILE A 139 -8.36 19.42 10.21
N ILE A 140 -8.63 19.26 11.48
CA ILE A 140 -7.90 18.25 12.30
C ILE A 140 -8.89 17.25 12.84
N THR A 141 -8.42 16.01 13.03
CA THR A 141 -9.27 14.94 13.53
C THR A 141 -8.75 14.27 14.82
N PRO A 142 -8.57 15.02 15.91
CA PRO A 142 -8.13 14.35 17.14
C PRO A 142 -9.17 13.46 17.77
N ASN A 143 -8.74 12.43 18.46
CA ASN A 143 -9.60 11.87 19.42
C ASN A 143 -9.59 12.73 20.70
N ALA A 144 -10.40 12.40 21.70
CA ALA A 144 -10.42 13.22 22.89
C ALA A 144 -9.08 13.28 23.60
N THR A 145 -8.35 12.16 23.62
CA THR A 145 -7.09 12.09 24.27
C THR A 145 -6.11 13.08 23.62
N GLU A 146 -6.09 13.04 22.33
CA GLU A 146 -5.28 13.99 21.46
C GLU A 146 -5.63 15.40 21.71
N LEU A 147 -6.94 15.67 21.74
CA LEU A 147 -7.36 17.04 21.97
C LEU A 147 -6.94 17.57 23.30
N SER A 148 -7.04 16.70 24.33
CA SER A 148 -6.60 17.10 25.66
C SER A 148 -5.12 17.45 25.66
N PHE A 149 -4.32 16.59 25.02
CA PHE A 149 -2.90 16.84 25.00
C PHE A 149 -2.58 18.14 24.25
N LEU A 150 -3.25 18.33 23.15
CA LEU A 150 -2.95 19.48 22.29
C LEU A 150 -3.25 20.83 22.96
N THR A 151 -4.23 20.82 23.85
CA THR A 151 -4.70 22.05 24.48
C THR A 151 -4.35 22.20 25.98
N GLY A 152 -3.90 21.11 26.61
CA GLY A 152 -3.75 21.07 28.04
C GLY A 152 -5.00 21.09 28.90
N LEU A 153 -6.16 20.83 28.27
CA LEU A 153 -7.41 20.71 29.00
C LEU A 153 -7.82 19.29 29.17
N GLU A 154 -8.48 19.01 30.28
CA GLU A 154 -9.23 17.77 30.42
C GLU A 154 -10.36 17.74 29.37
N VAL A 155 -10.55 16.61 28.68
CA VAL A 155 -11.64 16.41 27.74
C VAL A 155 -12.41 15.11 28.06
N ASN A 156 -13.36 15.23 28.95
CA ASN A 156 -14.18 14.12 29.43
C ASN A 156 -15.67 14.24 29.13
N SER A 157 -16.02 15.21 28.32
CA SER A 157 -17.42 15.55 28.03
C SER A 157 -17.46 16.41 26.81
N VAL A 158 -18.64 16.54 26.21
CA VAL A 158 -18.76 17.41 25.07
C VAL A 158 -18.46 18.86 25.44
N SER A 159 -18.90 19.30 26.62
CA SER A 159 -18.70 20.71 26.98
C SER A 159 -17.22 21.05 27.12
N GLU A 160 -16.47 20.09 27.66
CA GLU A 160 -15.01 20.26 27.74
C GLU A 160 -14.40 20.24 26.37
N ALA A 161 -14.90 19.35 25.48
CA ALA A 161 -14.41 19.31 24.18
C ALA A 161 -14.63 20.61 23.47
N ILE A 162 -15.78 21.25 23.68
CA ILE A 162 -16.10 22.53 23.01
C ILE A 162 -15.10 23.64 23.40
N LYS A 163 -14.83 23.71 24.70
CA LYS A 163 -13.81 24.62 25.27
C LYS A 163 -12.43 24.42 24.73
N ALA A 164 -12.06 23.13 24.64
CA ALA A 164 -10.83 22.80 24.04
C ALA A 164 -10.72 23.16 22.57
N CYS A 165 -11.76 22.86 21.82
CA CYS A 165 -11.77 23.28 20.41
C CYS A 165 -11.56 24.81 20.27
N HIS A 166 -12.20 25.59 21.14
CA HIS A 166 -12.15 27.04 21.03
C HIS A 166 -10.70 27.52 21.08
N ILE A 167 -9.91 26.96 21.98
CA ILE A 167 -8.50 27.32 22.03
C ILE A 167 -7.77 27.08 20.70
N LEU A 168 -8.09 25.97 20.05
CA LEU A 168 -7.43 25.71 18.80
C LEU A 168 -7.97 26.55 17.64
N HIS A 169 -9.28 26.81 17.63
CA HIS A 169 -9.83 27.73 16.64
C HIS A 169 -9.16 29.13 16.79
N GLU A 170 -8.90 29.57 18.02
CA GLU A 170 -8.22 30.86 18.24
C GLU A 170 -6.79 30.89 17.67
N GLN A 171 -6.20 29.72 17.51
CA GLN A 171 -4.89 29.56 16.87
C GLN A 171 -5.03 29.58 15.34
N GLY A 172 -6.27 29.61 14.82
CA GLY A 172 -6.47 29.70 13.39
C GLY A 172 -7.08 28.49 12.75
N ILE A 173 -7.12 27.37 13.49
CA ILE A 173 -7.63 26.09 12.90
C ILE A 173 -9.15 26.18 12.57
N PRO A 174 -9.50 26.06 11.27
CA PRO A 174 -10.88 26.30 10.96
C PRO A 174 -11.91 25.27 11.38
N VAL A 175 -11.56 23.99 11.30
CA VAL A 175 -12.47 22.91 11.57
C VAL A 175 -11.78 21.83 12.45
N ILE A 176 -12.50 21.36 13.46
CA ILE A 176 -12.02 20.32 14.36
C ILE A 176 -13.10 19.27 14.49
N LEU A 177 -12.77 18.05 14.07
CA LEU A 177 -13.55 16.89 14.31
C LEU A 177 -12.92 16.10 15.46
N VAL A 178 -13.64 16.07 16.56
CA VAL A 178 -13.27 15.26 17.74
C VAL A 178 -13.98 13.96 17.69
N THR A 179 -13.21 12.88 17.65
CA THR A 179 -13.74 11.51 17.72
C THR A 179 -13.62 10.96 19.19
N SER A 180 -14.57 10.13 19.53
CA SER A 180 -14.70 9.35 20.73
C SER A 180 -14.54 10.11 22.04
N ILE A 181 -15.39 11.10 22.15
CA ILE A 181 -15.65 11.73 23.40
C ILE A 181 -16.58 10.77 24.16
N LYS A 182 -16.27 10.53 25.42
CA LYS A 182 -17.00 9.58 26.24
C LYS A 182 -18.37 10.02 26.71
N GLU A 183 -19.36 9.09 26.73
CA GLU A 183 -20.72 9.29 27.32
C GLU A 183 -21.57 8.04 27.66
N GLY A 184 -21.65 7.66 28.94
CA GLY A 184 -22.32 6.43 29.28
C GLY A 184 -22.02 5.30 28.33
N ASN A 185 -23.05 4.55 27.94
CA ASN A 185 -22.85 3.47 26.97
C ASN A 185 -22.67 3.94 25.50
N ASP A 186 -22.30 5.21 25.31
CA ASP A 186 -22.08 5.71 23.99
C ASP A 186 -20.81 6.55 23.80
N ILE A 187 -20.55 6.89 22.56
CA ILE A 187 -19.49 7.80 22.27
C ILE A 187 -20.00 8.89 21.38
N ILE A 188 -19.48 10.08 21.56
CA ILE A 188 -19.89 11.28 20.84
C ILE A 188 -18.77 11.75 19.98
N LEU A 189 -19.12 12.14 18.78
CA LEU A 189 -18.28 12.86 17.92
C LEU A 189 -18.75 14.29 17.85
N LEU A 190 -17.80 15.23 17.87
CA LEU A 190 -18.09 16.67 17.81
C LEU A 190 -17.45 17.29 16.57
N CYS A 191 -18.18 18.06 15.76
CA CYS A 191 -17.57 18.82 14.69
C CYS A 191 -17.73 20.27 15.06
N SER A 192 -16.61 20.95 15.28
CA SER A 192 -16.58 22.31 15.75
C SER A 192 -15.92 23.23 14.69
N PHE A 193 -16.50 24.41 14.50
CA PHE A 193 -16.02 25.39 13.51
C PHE A 193 -15.59 26.69 14.17
N LYS A 194 -14.53 27.27 13.63
CA LYS A 194 -14.09 28.61 14.01
C LYS A 194 -15.15 29.61 13.59
N ASP A 195 -15.65 29.48 12.35
CA ASP A 195 -16.67 30.42 11.73
C ASP A 195 -18.04 29.79 11.92
N THR A 196 -18.70 30.19 12.97
CA THR A 196 -20.01 29.64 13.34
C THR A 196 -21.12 30.51 12.80
N LEU A 197 -20.74 31.51 12.00
CA LEU A 197 -21.72 32.32 11.24
C LEU A 197 -22.23 31.50 10.05
N ASN A 198 -21.32 30.87 9.30
CA ASN A 198 -21.68 30.12 8.08
C ASN A 198 -21.72 28.62 8.21
N ASN A 199 -21.38 28.11 9.38
CA ASN A 199 -21.35 26.68 9.63
C ASN A 199 -21.95 26.43 11.00
N LYS A 200 -22.50 25.23 11.18
CA LYS A 200 -23.21 24.88 12.41
C LYS A 200 -22.47 23.72 13.09
N ASN A 201 -22.07 23.93 14.32
CA ASN A 201 -21.42 22.86 15.10
C ASN A 201 -22.44 21.77 15.32
N PHE A 202 -21.96 20.55 15.32
CA PHE A 202 -22.81 19.43 15.56
C PHE A 202 -22.13 18.26 16.26
N THR A 203 -22.99 17.42 16.83
CA THR A 203 -22.56 16.15 17.41
C THR A 203 -23.28 14.96 16.81
N ILE A 204 -22.66 13.78 16.87
CA ILE A 204 -23.29 12.53 16.51
C ILE A 204 -23.06 11.54 17.64
N LYS A 205 -24.13 10.90 18.09
CA LYS A 205 -24.01 9.91 19.15
C LYS A 205 -23.93 8.54 18.54
N ILE A 206 -22.94 7.74 18.93
CA ILE A 206 -22.65 6.45 18.32
C ILE A 206 -22.73 5.43 19.42
N PRO A 207 -23.47 4.31 19.23
CA PRO A 207 -23.40 3.33 20.30
C PRO A 207 -22.00 2.69 20.38
N ARG A 208 -21.52 2.52 21.60
CA ARG A 208 -20.24 1.85 21.89
C ARG A 208 -20.35 0.38 21.47
N ILE A 209 -19.35 -0.10 20.76
CA ILE A 209 -19.24 -1.51 20.34
C ILE A 209 -18.00 -2.02 21.11
N GLU A 210 -18.14 -3.14 21.82
CA GLU A 210 -16.99 -3.77 22.46
C GLU A 210 -16.09 -4.39 21.38
N GLY A 211 -14.79 -4.42 21.65
CA GLY A 211 -13.85 -5.13 20.78
C GLY A 211 -12.60 -4.34 20.48
N ASP A 212 -11.81 -4.89 19.55
CA ASP A 212 -10.50 -4.37 19.22
C ASP A 212 -10.66 -3.21 18.20
N PHE A 213 -10.12 -2.06 18.54
CA PHE A 213 -10.28 -0.89 17.67
C PHE A 213 -8.99 -0.54 16.92
N THR A 214 -8.01 -1.47 16.84
CA THR A 214 -6.83 -1.17 16.00
C THR A 214 -7.21 -0.76 14.56
N GLY A 215 -6.76 0.39 14.15
CA GLY A 215 -6.97 0.91 12.82
C GLY A 215 -8.28 1.62 12.60
N VAL A 216 -9.12 1.61 13.64
CA VAL A 216 -10.48 2.25 13.49
C VAL A 216 -10.42 3.71 13.20
N GLY A 217 -9.65 4.44 13.96
CA GLY A 217 -9.56 5.87 13.76
C GLY A 217 -8.99 6.23 12.40
N ASP A 218 -7.93 5.51 11.99
CA ASP A 218 -7.33 5.74 10.70
C ASP A 218 -8.28 5.46 9.58
N THR A 219 -9.02 4.38 9.67
CA THR A 219 -10.05 4.08 8.68
C THR A 219 -11.06 5.24 8.56
N LEU A 220 -11.52 5.73 9.71
CA LEU A 220 -12.49 6.87 9.72
C LEU A 220 -11.88 8.03 8.96
N THR A 221 -10.66 8.41 9.29
CA THR A 221 -9.96 9.52 8.65
C THR A 221 -9.96 9.43 7.15
N TYR A 222 -9.63 8.27 6.63
CA TYR A 222 -9.48 8.16 5.16
C TYR A 222 -10.84 8.06 4.40
N ILE A 223 -11.82 7.46 5.05
CA ILE A 223 -13.14 7.40 4.50
C ILE A 223 -13.72 8.79 4.50
N LEU A 224 -13.55 9.51 5.61
CA LEU A 224 -13.99 10.94 5.62
C LEU A 224 -13.30 11.73 4.53
N LEU A 225 -12.00 11.72 4.48
CA LEU A 225 -11.23 12.42 3.42
C LEU A 225 -11.71 12.10 2.03
N SER A 226 -11.96 10.81 1.76
CA SER A 226 -12.34 10.36 0.45
C SER A 226 -13.67 11.06 0.11
N TRP A 227 -14.63 11.10 1.03
CA TRP A 227 -15.91 11.74 0.68
C TRP A 227 -15.75 13.24 0.57
N ILE A 228 -14.87 13.87 1.36
CA ILE A 228 -14.55 15.31 1.17
C ILE A 228 -14.01 15.55 -0.26
N ILE A 229 -13.09 14.72 -0.70
CA ILE A 229 -12.47 14.80 -2.04
C ILE A 229 -13.52 14.65 -3.14
N LYS A 230 -14.47 13.73 -2.94
CA LYS A 230 -15.54 13.54 -3.87
C LYS A 230 -16.50 14.69 -3.91
N GLY A 231 -16.47 15.59 -2.90
CA GLY A 231 -17.32 16.76 -2.91
C GLY A 231 -18.58 16.63 -2.01
N ILE A 232 -18.60 15.64 -1.11
CA ILE A 232 -19.73 15.49 -0.22
C ILE A 232 -19.58 16.56 0.86
N PRO A 233 -20.60 17.36 1.16
CA PRO A 233 -20.50 18.30 2.24
C PRO A 233 -20.10 17.64 3.56
N LEU A 234 -19.42 18.40 4.39
CA LEU A 234 -18.76 17.85 5.56
C LEU A 234 -19.69 17.10 6.54
N GLU A 235 -20.87 17.61 6.79
CA GLU A 235 -21.86 16.90 7.63
C GLU A 235 -22.18 15.54 7.13
N HIS A 236 -22.45 15.47 5.83
CA HIS A 236 -22.77 14.20 5.22
C HIS A 236 -21.58 13.26 5.17
N ALA A 237 -20.41 13.79 4.89
CA ALA A 237 -19.17 13.00 4.78
C ALA A 237 -18.81 12.38 6.15
N VAL A 238 -18.97 13.15 7.22
CA VAL A 238 -18.82 12.60 8.56
C VAL A 238 -19.83 11.46 8.87
N ASN A 239 -21.11 11.71 8.60
CA ASN A 239 -22.17 10.70 8.88
C ASN A 239 -21.91 9.42 8.04
N ARG A 240 -21.58 9.55 6.76
CA ARG A 240 -21.23 8.38 5.94
C ARG A 240 -20.04 7.60 6.56
N ALA A 241 -19.00 8.32 6.92
CA ALA A 241 -17.79 7.68 7.45
C ALA A 241 -18.05 6.92 8.74
N ILE A 242 -18.72 7.58 9.69
CA ILE A 242 -18.93 6.90 10.96
C ILE A 242 -19.98 5.77 10.80
N SER A 243 -20.88 5.92 9.82
CA SER A 243 -21.86 4.88 9.48
C SER A 243 -21.16 3.61 8.90
N THR A 244 -20.22 3.83 7.97
CA THR A 244 -19.45 2.79 7.39
C THR A 244 -18.62 2.06 8.44
N LEU A 245 -17.98 2.83 9.29
CA LEU A 245 -17.18 2.25 10.38
C LEU A 245 -18.04 1.40 11.30
N GLN A 246 -19.25 1.87 11.62
CA GLN A 246 -20.13 1.06 12.43
C GLN A 246 -20.54 -0.23 11.77
N THR A 247 -20.77 -0.15 10.47
CA THR A 247 -21.04 -1.35 9.68
C THR A 247 -19.89 -2.32 9.67
N ILE A 248 -18.66 -1.82 9.53
CA ILE A 248 -17.48 -2.64 9.57
C ILE A 248 -17.33 -3.33 10.93
N LEU A 249 -17.52 -2.55 11.95
CA LEU A 249 -17.34 -3.10 13.31
C LEU A 249 -18.46 -4.15 13.67
N ARG A 250 -19.71 -3.90 13.29
CA ARG A 250 -20.77 -4.90 13.42
C ARG A 250 -20.48 -6.22 12.70
N ASN A 251 -19.71 -6.16 11.60
CA ASN A 251 -19.27 -7.36 10.85
C ASN A 251 -17.88 -7.93 11.19
N THR A 252 -17.27 -7.42 12.25
CA THR A 252 -16.00 -7.95 12.78
C THR A 252 -16.26 -8.84 13.99
N VAL A 253 -15.64 -10.02 14.04
CA VAL A 253 -15.66 -10.88 15.25
C VAL A 253 -14.87 -10.14 16.33
N GLY A 254 -15.46 -9.97 17.53
CA GLY A 254 -15.08 -8.93 18.55
C GLY A 254 -13.59 -8.77 18.91
N THR A 255 -12.92 -9.92 19.05
CA THR A 255 -11.51 -9.96 19.44
C THR A 255 -10.57 -9.60 18.26
N ALA A 256 -11.02 -9.91 17.03
CA ALA A 256 -10.25 -9.63 15.84
C ALA A 256 -10.12 -8.12 15.55
N GLU A 257 -9.00 -7.73 14.93
CA GLU A 257 -8.79 -6.37 14.39
C GLU A 257 -9.65 -6.24 13.13
N ILE A 258 -10.19 -5.09 12.88
CA ILE A 258 -10.97 -4.91 11.67
C ILE A 258 -10.18 -5.21 10.46
N ASN A 259 -10.78 -5.96 9.57
CA ASN A 259 -10.05 -6.39 8.40
C ASN A 259 -10.58 -5.58 7.25
N ILE A 260 -9.82 -4.57 6.93
CA ILE A 260 -10.18 -3.61 5.95
C ILE A 260 -10.27 -4.26 4.58
N ILE A 261 -9.38 -5.24 4.29
CA ILE A 261 -9.41 -5.98 3.02
C ILE A 261 -10.75 -6.69 2.84
N ASN A 262 -11.15 -7.46 3.81
CA ASN A 262 -12.43 -8.10 3.73
C ASN A 262 -13.66 -7.18 3.65
N CYS A 263 -13.49 -5.96 4.09
CA CYS A 263 -14.62 -5.04 4.17
C CYS A 263 -14.51 -4.00 2.99
N ILE A 264 -13.67 -4.28 1.98
CA ILE A 264 -13.56 -3.34 0.80
C ILE A 264 -14.96 -3.00 0.21
N PRO A 265 -15.86 -4.01 0.06
CA PRO A 265 -17.20 -3.68 -0.53
C PRO A 265 -18.05 -2.74 0.30
N TYR A 266 -17.69 -2.47 1.55
CA TYR A 266 -18.45 -1.56 2.39
C TYR A 266 -17.89 -0.14 2.39
N LEU A 267 -16.64 0.04 1.96
CA LEU A 267 -15.94 1.32 2.16
C LEU A 267 -16.69 2.50 1.55
N LYS A 268 -17.30 2.27 0.41
CA LYS A 268 -17.92 3.36 -0.35
C LYS A 268 -19.40 3.42 -0.03
N GLY A 269 -19.78 2.88 1.12
CA GLY A 269 -21.19 2.91 1.54
C GLY A 269 -21.70 4.35 1.66
N THR A 270 -22.94 4.57 1.27
CA THR A 270 -23.49 5.94 1.27
C THR A 270 -24.52 6.12 2.36
N GLU A 271 -24.84 5.08 3.12
CA GLU A 271 -25.79 5.21 4.21
C GLU A 271 -25.32 6.25 5.25
N GLU A 272 -26.25 7.10 5.66
CA GLU A 272 -26.04 8.09 6.70
C GLU A 272 -26.98 7.65 7.83
N SER A 273 -26.46 6.81 8.72
CA SER A 273 -27.25 6.05 9.73
C SER A 273 -27.57 6.79 11.03
N PHE A 274 -26.94 7.93 11.26
CA PHE A 274 -27.02 8.57 12.56
C PHE A 274 -27.66 9.91 12.42
N THR A 275 -28.02 10.47 13.56
CA THR A 275 -28.67 11.77 13.60
C THR A 275 -27.66 12.91 13.84
N ILE A 276 -27.76 13.93 13.00
CA ILE A 276 -26.95 15.12 13.18
C ILE A 276 -27.64 16.00 14.22
N THR A 277 -27.00 16.24 15.36
CA THR A 277 -27.53 17.06 16.42
C THR A 277 -26.80 18.41 16.48
N TYR A 278 -27.48 19.49 16.16
CA TYR A 278 -26.84 20.83 16.24
C TYR A 278 -26.79 21.33 17.65
N ILE A 279 -25.66 21.87 18.04
CA ILE A 279 -25.52 22.29 19.41
C ILE A 279 -25.76 23.78 19.48
N LEU A 280 -26.46 24.20 20.53
CA LEU A 280 -27.29 25.41 20.52
C LEU A 280 -26.50 26.73 20.60
N MET B 1 -9.37 -13.97 7.94
CA MET B 1 -8.56 -14.89 8.80
C MET B 1 -7.13 -14.31 9.00
N THR B 2 -6.20 -14.88 8.23
CA THR B 2 -4.80 -14.74 8.48
C THR B 2 -4.07 -14.44 7.16
N ASN B 3 -2.82 -14.00 7.27
CA ASN B 3 -2.07 -13.73 6.08
C ASN B 3 -1.74 -14.94 5.23
N LYS B 4 -2.07 -14.92 3.93
CA LYS B 4 -1.85 -16.05 3.05
C LYS B 4 -0.68 -15.93 2.12
N VAL B 5 -0.29 -14.67 1.85
CA VAL B 5 0.78 -14.33 0.97
C VAL B 5 1.83 -13.46 1.62
N LEU B 6 3.11 -13.75 1.38
CA LEU B 6 4.22 -12.86 1.69
C LEU B 6 4.88 -12.41 0.42
N THR B 7 4.96 -11.11 0.20
CA THR B 7 5.52 -10.54 -1.04
C THR B 7 6.60 -9.56 -0.70
N ILE B 8 7.77 -9.78 -1.30
CA ILE B 8 8.98 -9.01 -1.06
C ILE B 8 9.43 -8.32 -2.34
N SER B 9 9.27 -7.01 -2.43
CA SER B 9 9.58 -6.26 -3.62
C SER B 9 9.64 -4.78 -3.33
N SER B 10 9.88 -3.99 -4.35
CA SER B 10 10.11 -2.56 -4.25
C SER B 10 8.88 -1.79 -3.92
N TYR B 11 9.11 -0.58 -3.40
CA TYR B 11 8.03 0.36 -3.13
C TYR B 11 8.33 1.73 -3.65
N VAL B 12 7.37 2.35 -4.31
CA VAL B 12 7.51 3.76 -4.79
C VAL B 12 6.29 4.48 -4.19
N CYS B 13 6.51 5.70 -3.78
CA CYS B 13 5.49 6.56 -3.23
C CYS B 13 4.42 6.97 -4.25
N SER B 14 4.91 7.35 -5.47
CA SER B 14 4.04 7.71 -6.59
C SER B 14 4.28 6.66 -7.67
N GLY B 15 3.22 6.23 -8.35
CA GLY B 15 3.36 5.25 -9.47
C GLY B 15 3.19 3.82 -9.06
N PHE B 16 3.24 2.92 -10.06
CA PHE B 16 2.75 1.53 -9.82
C PHE B 16 3.85 0.59 -10.33
N VAL B 17 4.77 0.19 -9.45
CA VAL B 17 5.72 -0.88 -9.77
C VAL B 17 5.85 -1.68 -8.53
N GLY B 18 6.38 -2.87 -8.71
CA GLY B 18 6.74 -3.73 -7.61
C GLY B 18 5.67 -3.95 -6.61
N ASN B 19 5.99 -3.86 -5.30
CA ASN B 19 4.99 -4.19 -4.23
C ASN B 19 3.86 -3.19 -4.25
N ARG B 20 3.99 -1.98 -4.84
CA ARG B 20 2.83 -1.06 -4.93
C ARG B 20 1.75 -1.59 -5.91
N CYS B 21 2.14 -2.23 -6.99
CA CYS B 21 1.23 -2.93 -7.89
C CYS B 21 0.64 -4.11 -7.16
N GLY B 22 1.53 -4.82 -6.47
CA GLY B 22 1.09 -5.95 -5.65
C GLY B 22 -0.03 -5.56 -4.71
N MET B 23 0.18 -4.49 -3.94
CA MET B 23 -0.79 -4.05 -2.98
C MET B 23 -2.16 -3.76 -3.65
N ILE B 24 -2.22 -3.02 -4.75
CA ILE B 24 -3.42 -2.75 -5.34
C ILE B 24 -4.16 -4.01 -5.79
N ILE B 25 -3.43 -4.91 -6.43
CA ILE B 25 -4.02 -6.06 -7.05
C ILE B 25 -4.47 -7.05 -5.96
N LEU B 26 -3.55 -7.37 -5.07
CA LEU B 26 -3.94 -8.37 -4.03
C LEU B 26 -5.03 -7.80 -3.11
N ASP B 27 -4.98 -6.50 -2.78
CA ASP B 27 -6.02 -5.91 -1.98
C ASP B 27 -7.38 -6.00 -2.75
N SER B 28 -7.42 -5.74 -4.06
CA SER B 28 -8.65 -5.79 -4.87
C SER B 28 -9.22 -7.20 -4.98
N PHE B 29 -8.30 -8.20 -5.06
CA PHE B 29 -8.70 -9.59 -5.00
C PHE B 29 -9.00 -10.06 -3.59
N GLN B 30 -8.89 -9.22 -2.61
CA GLN B 30 -9.19 -9.51 -1.20
C GLN B 30 -8.36 -10.73 -0.67
N ILE B 31 -7.12 -10.76 -1.06
CA ILE B 31 -6.17 -11.76 -0.66
C ILE B 31 -5.29 -11.13 0.42
N GLN B 32 -5.38 -11.75 1.63
CA GLN B 32 -4.66 -11.16 2.77
C GLN B 32 -3.12 -11.44 2.65
N SER B 33 -2.35 -10.35 2.66
CA SER B 33 -0.96 -10.41 2.28
C SER B 33 -0.07 -9.53 3.11
N ILE B 34 1.17 -9.97 3.29
CA ILE B 34 2.21 -9.23 3.96
C ILE B 34 3.10 -8.62 2.89
N PHE B 35 3.31 -7.32 2.96
CA PHE B 35 4.13 -6.63 1.97
C PHE B 35 5.39 -6.09 2.63
N VAL B 36 6.48 -6.82 2.45
CA VAL B 36 7.79 -6.39 2.96
C VAL B 36 8.50 -5.63 1.85
N LEU B 37 8.92 -4.42 2.13
CA LEU B 37 9.50 -3.54 1.13
C LEU B 37 11.00 -3.73 1.01
N THR B 38 11.50 -3.58 -0.22
CA THR B 38 12.96 -3.62 -0.45
C THR B 38 13.51 -2.26 -0.82
N THR B 39 12.64 -1.33 -1.03
CA THR B 39 13.00 0.09 -1.23
C THR B 39 11.95 0.98 -0.65
N HIS B 40 12.30 2.24 -0.45
CA HIS B 40 11.30 3.30 -0.20
C HIS B 40 11.71 4.52 -1.05
N LEU B 41 11.20 4.50 -2.26
CA LEU B 41 11.60 5.48 -3.26
C LEU B 41 10.48 6.42 -3.52
N ALA B 42 10.78 7.65 -3.95
CA ALA B 42 9.72 8.60 -4.31
C ALA B 42 8.94 8.17 -5.52
N ASN B 43 9.62 7.50 -6.42
CA ASN B 43 9.13 7.26 -7.78
C ASN B 43 10.01 6.19 -8.45
N HIS B 44 9.60 5.64 -9.58
CA HIS B 44 10.39 4.61 -10.19
C HIS B 44 11.71 5.18 -10.77
N THR B 45 12.57 4.26 -11.17
CA THR B 45 13.90 4.63 -11.63
C THR B 45 14.05 5.24 -13.02
N GLY B 46 12.97 5.30 -13.77
CA GLY B 46 12.90 5.98 -15.01
C GLY B 46 12.90 7.47 -14.98
N TYR B 47 12.78 8.11 -13.82
CA TYR B 47 12.86 9.59 -13.74
C TYR B 47 14.29 10.12 -13.66
N PRO B 48 14.48 11.38 -13.98
CA PRO B 48 15.83 11.96 -13.86
C PRO B 48 16.38 11.95 -12.39
N VAL B 49 15.51 11.95 -11.37
CA VAL B 49 15.90 12.02 -9.99
C VAL B 49 15.08 10.91 -9.34
N VAL B 50 15.74 10.13 -8.51
CA VAL B 50 15.10 9.02 -7.77
C VAL B 50 15.37 9.11 -6.23
N GLY B 51 14.56 9.83 -5.52
CA GLY B 51 14.77 10.07 -4.10
C GLY B 51 14.41 8.84 -3.28
N GLY B 52 15.12 8.73 -2.18
CA GLY B 52 14.91 7.65 -1.22
C GLY B 52 15.91 6.59 -1.39
N SER B 53 15.81 5.57 -0.52
CA SER B 53 16.86 4.57 -0.33
C SER B 53 16.38 3.12 -0.47
N GLY B 54 17.30 2.23 -0.81
CA GLY B 54 16.99 0.81 -0.59
C GLY B 54 16.94 0.50 0.90
N VAL B 55 16.16 -0.54 1.21
CA VAL B 55 16.03 -1.00 2.59
C VAL B 55 17.31 -1.69 3.04
N LEU B 56 17.72 -1.37 4.26
CA LEU B 56 18.96 -1.90 4.83
C LEU B 56 18.80 -3.31 5.35
N LEU B 57 19.85 -4.10 5.14
CA LEU B 57 19.84 -5.50 5.55
C LEU B 57 19.36 -5.61 7.02
N ASN B 58 19.89 -4.78 7.90
CA ASN B 58 19.55 -4.96 9.33
C ASN B 58 18.08 -4.66 9.65
N ASP B 59 17.51 -3.74 8.91
CA ASP B 59 16.07 -3.45 9.00
C ASP B 59 15.26 -4.59 8.38
N PHE B 60 15.68 -5.12 7.25
CA PHE B 60 15.04 -6.28 6.65
C PHE B 60 15.00 -7.51 7.57
N ILE B 61 16.14 -7.83 8.14
CA ILE B 61 16.21 -8.94 9.14
C ILE B 61 15.28 -8.67 10.34
N SER B 62 15.29 -7.47 10.88
CA SER B 62 14.43 -7.07 11.97
C SER B 62 12.95 -7.27 11.65
N ILE B 63 12.54 -6.85 10.45
CA ILE B 63 11.14 -7.02 10.02
C ILE B 63 10.85 -8.51 9.94
N MET B 64 11.69 -9.27 9.22
CA MET B 64 11.36 -10.70 9.06
C MET B 64 11.24 -11.40 10.42
N ASP B 65 12.19 -11.08 11.30
CA ASP B 65 12.19 -11.64 12.63
C ASP B 65 10.90 -11.30 13.40
N SER B 66 10.46 -10.07 13.30
CA SER B 66 9.29 -9.59 13.99
C SER B 66 8.02 -10.31 13.43
N LEU B 67 7.95 -10.52 12.13
CA LEU B 67 6.81 -11.24 11.51
C LEU B 67 6.73 -12.66 12.14
N GLU B 68 7.87 -13.31 12.21
CA GLU B 68 7.97 -14.65 12.77
C GLU B 68 7.60 -14.74 14.22
N VAL B 69 8.17 -13.89 15.06
CA VAL B 69 7.98 -13.92 16.53
C VAL B 69 6.56 -13.58 16.98
N ASN B 70 5.91 -12.70 16.20
CA ASN B 70 4.52 -12.41 16.44
C ASN B 70 3.54 -13.33 15.71
N HIS B 71 4.02 -14.34 15.03
CA HIS B 71 3.20 -15.37 14.38
C HIS B 71 2.39 -14.91 13.18
N LEU B 72 2.82 -13.81 12.59
CA LEU B 72 2.02 -13.18 11.53
C LEU B 72 2.25 -13.88 10.19
N ASP B 73 3.30 -14.69 10.05
CA ASP B 73 3.54 -15.50 8.89
C ASP B 73 3.27 -16.97 9.02
N LYS B 74 2.62 -17.39 10.09
CA LYS B 74 2.49 -18.86 10.38
C LYS B 74 1.63 -19.60 9.34
N ASP B 75 0.72 -18.86 8.68
CA ASP B 75 -0.22 -19.45 7.74
C ASP B 75 -0.02 -19.14 6.25
N ILE B 76 1.15 -18.55 5.93
CA ILE B 76 1.43 -18.25 4.56
C ILE B 76 1.42 -19.49 3.72
N GLU B 77 0.84 -19.39 2.52
CA GLU B 77 0.80 -20.45 1.51
C GLU B 77 1.47 -20.10 0.22
N PHE B 78 1.81 -18.78 0.07
CA PHE B 78 2.35 -18.24 -1.14
C PHE B 78 3.41 -17.24 -0.85
N LEU B 79 4.47 -17.23 -1.63
CA LEU B 79 5.56 -16.31 -1.48
C LEU B 79 5.84 -15.72 -2.84
N VAL B 80 6.03 -14.39 -2.96
CA VAL B 80 6.45 -13.76 -4.21
C VAL B 80 7.64 -12.85 -3.91
N THR B 81 8.60 -12.88 -4.78
CA THR B 81 9.69 -11.92 -4.76
C THR B 81 9.76 -11.17 -6.07
N GLY B 82 10.34 -9.99 -6.00
CA GLY B 82 10.43 -9.12 -7.18
C GLY B 82 11.75 -8.38 -7.21
N TYR B 83 11.64 -7.04 -7.10
CA TYR B 83 12.83 -6.14 -7.26
C TYR B 83 13.61 -6.01 -6.00
N PHE B 84 14.94 -6.15 -6.13
CA PHE B 84 15.82 -5.92 -5.02
C PHE B 84 16.92 -4.92 -5.46
N PRO B 85 17.11 -3.94 -4.61
CA PRO B 85 18.17 -2.93 -4.93
C PRO B 85 19.57 -3.33 -4.60
N SER B 86 19.76 -4.41 -3.90
CA SER B 86 21.08 -4.80 -3.47
C SER B 86 21.06 -6.28 -3.27
N SER B 87 22.21 -6.90 -3.41
CA SER B 87 22.34 -8.40 -3.30
C SER B 87 22.27 -8.96 -1.90
N ASP B 88 22.58 -8.16 -0.91
CA ASP B 88 22.46 -8.66 0.51
C ASP B 88 21.03 -9.03 0.87
N LEU B 89 20.05 -8.29 0.33
CA LEU B 89 18.63 -8.60 0.66
C LEU B 89 18.23 -9.89 -0.01
N VAL B 90 18.82 -10.17 -1.18
CA VAL B 90 18.51 -11.37 -1.97
C VAL B 90 19.02 -12.57 -1.17
N TYR B 91 20.26 -12.50 -0.73
CA TYR B 91 20.80 -13.60 0.04
C TYR B 91 20.07 -13.84 1.35
N GLU B 92 19.66 -12.76 2.01
CA GLU B 92 18.91 -12.94 3.20
C GLU B 92 17.52 -13.59 2.89
N THR B 93 16.89 -13.16 1.81
CA THR B 93 15.63 -13.77 1.38
C THR B 93 15.82 -15.28 1.16
N ILE B 94 16.92 -15.69 0.57
CA ILE B 94 17.20 -17.08 0.31
C ILE B 94 17.16 -17.84 1.63
N ASN B 95 17.79 -17.29 2.66
CA ASN B 95 17.75 -17.91 4.02
C ASN B 95 16.34 -18.04 4.56
N ARG B 96 15.54 -17.01 4.38
CA ARG B 96 14.12 -17.03 4.78
C ARG B 96 13.27 -18.03 3.96
N VAL B 97 13.50 -18.11 2.66
CA VAL B 97 12.76 -19.10 1.79
C VAL B 97 13.11 -20.52 2.21
N LYS B 98 14.39 -20.80 2.47
CA LYS B 98 14.81 -22.14 2.93
C LYS B 98 14.05 -22.51 4.21
N ARG B 99 13.99 -21.65 5.19
CA ARG B 99 13.38 -21.94 6.46
C ARG B 99 11.82 -21.99 6.34
N ILE B 100 11.26 -21.25 5.41
CA ILE B 100 9.80 -21.44 5.11
C ILE B 100 9.58 -22.80 4.52
N LYS B 101 10.29 -23.17 3.50
CA LYS B 101 10.00 -24.38 2.76
C LYS B 101 10.40 -25.67 3.37
N ASP B 102 11.37 -25.64 4.28
CA ASP B 102 11.69 -26.87 5.01
C ASP B 102 10.50 -27.60 5.69
N ASN B 103 9.61 -26.84 6.31
CA ASN B 103 8.45 -27.48 7.07
C ASN B 103 7.07 -26.96 6.71
N LYS B 104 6.93 -26.02 5.80
CA LYS B 104 5.58 -25.70 5.34
C LYS B 104 5.52 -25.72 3.82
N LYS B 105 4.30 -25.91 3.33
CA LYS B 105 4.07 -26.06 1.91
C LYS B 105 3.77 -24.65 1.38
N VAL B 106 4.71 -24.04 0.62
CA VAL B 106 4.50 -22.65 0.18
C VAL B 106 4.92 -22.61 -1.22
N TYR B 107 4.07 -22.00 -2.07
CA TYR B 107 4.30 -21.91 -3.46
C TYR B 107 4.99 -20.57 -3.69
N PHE B 108 6.22 -20.66 -4.14
CA PHE B 108 7.04 -19.53 -4.38
C PHE B 108 7.10 -19.21 -5.86
N LEU B 109 6.52 -18.01 -6.17
CA LEU B 109 6.72 -17.41 -7.48
C LEU B 109 7.81 -16.34 -7.40
N CYS B 110 8.90 -16.54 -8.17
CA CYS B 110 10.02 -15.65 -8.22
C CYS B 110 9.90 -14.88 -9.52
N ASP B 111 9.71 -13.57 -9.45
CA ASP B 111 9.72 -12.74 -10.66
C ASP B 111 11.15 -12.15 -10.66
N PRO B 112 12.04 -12.63 -11.56
CA PRO B 112 13.49 -12.28 -11.45
C PRO B 112 13.77 -10.95 -12.13
N ILE B 113 13.43 -9.86 -11.45
CA ILE B 113 13.29 -8.56 -12.02
C ILE B 113 14.74 -8.06 -12.17
N LEU B 114 15.17 -7.90 -13.42
CA LEU B 114 16.54 -7.41 -13.76
C LEU B 114 16.58 -6.37 -14.84
N GLY B 115 15.69 -6.46 -15.80
CA GLY B 115 15.91 -5.61 -17.02
C GLY B 115 14.88 -5.93 -18.05
N ASP B 116 14.86 -5.14 -19.11
CA ASP B 116 13.86 -5.38 -20.14
C ASP B 116 14.36 -4.75 -21.42
N ASN B 117 13.83 -5.22 -22.56
CA ASN B 117 14.27 -4.74 -23.90
C ASN B 117 15.78 -4.78 -24.13
N GLY B 118 16.47 -5.78 -23.58
CA GLY B 118 17.94 -5.90 -23.70
C GLY B 118 18.81 -5.00 -22.83
N LYS B 119 18.22 -4.24 -21.90
CA LYS B 119 18.99 -3.39 -21.03
C LYS B 119 18.65 -3.70 -19.57
N MET B 120 19.66 -3.84 -18.73
CA MET B 120 19.34 -4.13 -17.27
C MET B 120 19.01 -2.80 -16.61
N TYR B 121 18.22 -2.86 -15.56
CA TYR B 121 17.98 -1.70 -14.68
C TYR B 121 18.17 -2.11 -13.23
N THR B 122 19.06 -3.10 -13.00
CA THR B 122 19.44 -3.54 -11.65
C THR B 122 20.92 -3.57 -11.55
N LYS B 123 21.42 -3.57 -10.31
CA LYS B 123 22.85 -3.72 -10.10
C LYS B 123 23.38 -5.08 -10.61
N SER B 124 24.60 -5.11 -11.13
CA SER B 124 25.17 -6.36 -11.55
C SER B 124 25.22 -7.39 -10.37
N GLU B 125 25.46 -6.92 -9.14
CA GLU B 125 25.44 -7.88 -7.96
C GLU B 125 24.10 -8.54 -7.77
N VAL B 126 23.01 -7.81 -8.06
CA VAL B 126 21.63 -8.36 -7.95
C VAL B 126 21.42 -9.37 -9.07
N GLN B 127 21.82 -9.01 -10.31
CA GLN B 127 21.85 -10.00 -11.44
C GLN B 127 22.48 -11.34 -11.08
N ASP B 128 23.62 -11.30 -10.43
CA ASP B 128 24.35 -12.52 -10.04
C ASP B 128 23.56 -13.27 -8.95
N SER B 129 23.09 -12.54 -7.96
CA SER B 129 22.35 -13.14 -6.86
C SER B 129 21.06 -13.81 -7.33
N MET B 130 20.47 -13.25 -8.40
CA MET B 130 19.20 -13.78 -8.89
C MET B 130 19.36 -15.20 -9.47
N LYS B 131 20.51 -15.54 -10.03
CA LYS B 131 20.83 -16.92 -10.46
C LYS B 131 20.69 -17.91 -9.25
N GLU B 132 20.93 -17.42 -8.05
CA GLU B 132 20.76 -18.28 -6.85
C GLU B 132 19.32 -18.31 -6.41
N LEU B 133 18.70 -17.14 -6.37
CA LEU B 133 17.30 -17.06 -5.95
C LEU B 133 16.39 -18.04 -6.69
N ILE B 134 16.49 -18.04 -8.01
CA ILE B 134 15.58 -18.83 -8.83
C ILE B 134 15.65 -20.27 -8.51
N LYS B 135 16.74 -20.75 -7.93
CA LYS B 135 16.92 -22.14 -7.64
C LYS B 135 15.95 -22.59 -6.57
N TYR B 136 15.42 -21.72 -5.79
CA TYR B 136 14.34 -22.15 -4.74
C TYR B 136 12.85 -21.92 -5.19
N ALA B 137 12.61 -21.37 -6.37
CA ALA B 137 11.22 -21.13 -6.83
C ALA B 137 10.49 -22.34 -7.31
N ASP B 138 9.15 -22.32 -7.15
CA ASP B 138 8.26 -23.25 -7.79
C ASP B 138 7.92 -22.80 -9.22
N ILE B 139 7.93 -21.51 -9.42
CA ILE B 139 7.74 -20.96 -10.76
C ILE B 139 8.53 -19.73 -10.87
N ILE B 140 9.19 -19.53 -11.99
CA ILE B 140 9.81 -18.21 -12.30
C ILE B 140 9.17 -17.57 -13.52
N THR B 141 9.18 -16.24 -13.54
CA THR B 141 8.51 -15.47 -14.60
C THR B 141 9.50 -14.44 -15.25
N PRO B 142 10.59 -14.93 -15.84
CA PRO B 142 11.48 -13.97 -16.64
C PRO B 142 10.87 -13.43 -17.91
N ASN B 143 11.18 -12.18 -18.25
CA ASN B 143 11.10 -11.81 -19.67
C ASN B 143 12.20 -12.39 -20.46
N ALA B 144 12.25 -12.13 -21.76
CA ALA B 144 13.27 -12.74 -22.57
C ALA B 144 14.65 -12.17 -22.21
N THR B 145 14.70 -10.90 -21.80
CA THR B 145 16.00 -10.25 -21.48
C THR B 145 16.53 -10.99 -20.23
N GLU B 146 15.64 -11.20 -19.26
CA GLU B 146 16.00 -11.91 -17.99
C GLU B 146 16.38 -13.28 -18.24
N LEU B 147 15.63 -14.02 -19.09
CA LEU B 147 16.01 -15.42 -19.33
C LEU B 147 17.40 -15.53 -20.00
N SER B 148 17.65 -14.63 -20.95
CA SER B 148 18.95 -14.59 -21.62
C SER B 148 20.08 -14.38 -20.62
N PHE B 149 19.87 -13.46 -19.71
CA PHE B 149 20.90 -13.21 -18.69
C PHE B 149 21.08 -14.47 -17.80
N LEU B 150 20.01 -15.04 -17.39
CA LEU B 150 20.10 -16.14 -16.35
C LEU B 150 20.71 -17.42 -16.90
N THR B 151 20.68 -17.60 -18.24
CA THR B 151 21.20 -18.78 -18.91
C THR B 151 22.48 -18.48 -19.79
N GLY B 152 22.77 -17.19 -20.03
CA GLY B 152 23.85 -16.81 -20.94
C GLY B 152 23.63 -17.15 -22.39
N LEU B 153 22.37 -17.48 -22.74
CA LEU B 153 21.97 -17.75 -24.11
C LEU B 153 21.23 -16.57 -24.67
N GLU B 154 21.33 -16.44 -25.97
CA GLU B 154 20.49 -15.48 -26.70
C GLU B 154 19.06 -15.99 -26.64
N VAL B 155 18.13 -15.10 -26.36
CA VAL B 155 16.72 -15.40 -26.44
C VAL B 155 16.04 -14.35 -27.37
N ASN B 156 16.08 -14.63 -28.67
CA ASN B 156 15.44 -13.76 -29.69
C ASN B 156 14.31 -14.44 -30.48
N SER B 157 13.87 -15.60 -30.06
CA SER B 157 12.82 -16.36 -30.76
C SER B 157 12.27 -17.40 -29.79
N VAL B 158 11.16 -18.04 -30.16
CA VAL B 158 10.57 -19.06 -29.26
C VAL B 158 11.52 -20.25 -29.17
N SER B 159 12.12 -20.63 -30.30
CA SER B 159 12.92 -21.82 -30.29
C SER B 159 14.14 -21.61 -29.39
N GLU B 160 14.76 -20.41 -29.44
CA GLU B 160 15.87 -20.06 -28.49
C GLU B 160 15.32 -20.05 -27.05
N ALA B 161 14.09 -19.55 -26.88
CA ALA B 161 13.52 -19.51 -25.48
C ALA B 161 13.28 -20.91 -24.93
N ILE B 162 12.92 -21.83 -25.83
CA ILE B 162 12.71 -23.21 -25.46
C ILE B 162 13.99 -23.85 -24.95
N LYS B 163 15.07 -23.66 -25.72
CA LYS B 163 16.40 -24.13 -25.39
C LYS B 163 16.91 -23.57 -24.07
N ALA B 164 16.74 -22.26 -23.89
CA ALA B 164 17.07 -21.63 -22.65
C ALA B 164 16.26 -22.20 -21.47
N CYS B 165 14.94 -22.39 -21.63
CA CYS B 165 14.23 -23.00 -20.50
C CYS B 165 14.78 -24.39 -20.15
N HIS B 166 15.05 -25.18 -21.21
CA HIS B 166 15.46 -26.57 -21.03
C HIS B 166 16.73 -26.60 -20.13
N ILE B 167 17.72 -25.73 -20.43
CA ILE B 167 18.93 -25.73 -19.59
C ILE B 167 18.57 -25.43 -18.13
N LEU B 168 17.59 -24.54 -17.86
CA LEU B 168 17.26 -24.25 -16.48
C LEU B 168 16.49 -25.44 -15.90
N HIS B 169 15.55 -26.05 -16.68
CA HIS B 169 14.87 -27.25 -16.18
C HIS B 169 15.89 -28.37 -15.80
N GLU B 170 16.89 -28.57 -16.65
CA GLU B 170 17.88 -29.61 -16.37
C GLU B 170 18.55 -29.32 -15.00
N GLN B 171 18.62 -28.05 -14.61
CA GLN B 171 19.15 -27.67 -13.32
C GLN B 171 18.17 -27.70 -12.14
N GLY B 172 16.92 -28.04 -12.43
CA GLY B 172 15.93 -28.17 -11.38
C GLY B 172 14.83 -27.18 -11.35
N ILE B 173 14.94 -26.12 -12.17
CA ILE B 173 13.80 -25.13 -12.21
C ILE B 173 12.44 -25.75 -12.80
N PRO B 174 11.43 -25.87 -11.95
CA PRO B 174 10.30 -26.73 -12.41
C PRO B 174 9.37 -26.09 -13.47
N VAL B 175 9.06 -24.82 -13.33
CA VAL B 175 8.12 -24.10 -14.20
C VAL B 175 8.77 -22.80 -14.54
N ILE B 176 8.75 -22.47 -15.81
CA ILE B 176 9.20 -21.17 -16.36
C ILE B 176 8.20 -20.59 -17.27
N LEU B 177 7.72 -19.44 -16.88
CA LEU B 177 6.85 -18.65 -17.73
C LEU B 177 7.71 -17.50 -18.30
N VAL B 178 7.93 -17.54 -19.59
CA VAL B 178 8.69 -16.45 -20.30
C VAL B 178 7.75 -15.50 -20.93
N THR B 179 7.78 -14.27 -20.45
CA THR B 179 6.63 -13.44 -20.67
C THR B 179 6.64 -12.73 -21.94
N SER B 180 7.78 -12.28 -22.46
CA SER B 180 7.62 -11.67 -23.77
C SER B 180 8.75 -12.13 -24.55
N ILE B 181 8.44 -12.73 -25.70
CA ILE B 181 9.45 -13.04 -26.75
C ILE B 181 9.05 -12.42 -28.12
N ILE B 187 4.61 -10.84 -30.71
CA ILE B 187 4.89 -11.30 -29.23
C ILE B 187 4.42 -12.64 -28.59
N ILE B 188 5.18 -13.49 -28.18
CA ILE B 188 4.87 -14.81 -27.65
C ILE B 188 5.23 -14.97 -26.16
N LEU B 189 4.32 -15.60 -25.42
CA LEU B 189 4.58 -16.06 -24.06
C LEU B 189 4.75 -17.57 -24.12
N LEU B 190 5.67 -18.12 -23.36
CA LEU B 190 6.04 -19.55 -23.27
C LEU B 190 5.95 -20.05 -21.84
N CYS B 191 5.23 -21.15 -21.59
CA CYS B 191 5.16 -21.79 -20.28
C CYS B 191 5.73 -23.11 -20.46
N SER B 192 6.90 -23.35 -19.81
CA SER B 192 7.68 -24.49 -20.04
C SER B 192 7.81 -25.23 -18.67
N PHE B 193 7.68 -26.52 -18.72
CA PHE B 193 7.70 -27.41 -17.57
C PHE B 193 8.84 -28.42 -17.61
N LYS B 194 9.45 -28.64 -16.46
CA LYS B 194 10.47 -29.71 -16.36
C LYS B 194 9.81 -31.05 -16.56
N ASP B 195 8.67 -31.23 -15.87
CA ASP B 195 7.89 -32.54 -15.87
C ASP B 195 6.85 -32.43 -16.98
N THR B 196 7.21 -32.94 -18.15
CA THR B 196 6.35 -32.87 -19.28
C THR B 196 5.54 -34.17 -19.41
N LEU B 197 5.66 -35.05 -18.41
CA LEU B 197 4.81 -36.23 -18.31
C LEU B 197 3.43 -35.77 -17.85
N ASN B 198 3.33 -34.94 -16.81
CA ASN B 198 2.03 -34.54 -16.21
C ASN B 198 1.53 -33.14 -16.54
N ASN B 199 2.31 -32.42 -17.32
CA ASN B 199 2.00 -31.08 -17.70
C ASN B 199 2.39 -30.93 -19.16
N LYS B 200 1.76 -29.96 -19.82
CA LYS B 200 1.97 -29.76 -21.20
C LYS B 200 2.50 -28.35 -21.41
N ASN B 201 3.62 -28.26 -22.09
CA ASN B 201 4.18 -26.93 -22.43
C ASN B 201 3.29 -26.23 -23.43
N PHE B 202 3.22 -24.91 -23.34
CA PHE B 202 2.40 -24.15 -24.21
C PHE B 202 2.94 -22.79 -24.52
N THR B 203 2.44 -22.25 -25.63
CA THR B 203 2.59 -20.82 -25.96
C THR B 203 1.32 -20.06 -26.15
N ILE B 204 1.41 -18.71 -26.00
CA ILE B 204 0.26 -17.83 -26.28
C ILE B 204 0.79 -16.71 -27.16
N LYS B 205 0.09 -16.44 -28.26
CA LYS B 205 0.51 -15.34 -29.16
C LYS B 205 -0.33 -14.13 -28.85
N ILE B 206 0.31 -13.00 -28.63
CA ILE B 206 -0.33 -11.79 -28.13
C ILE B 206 -0.03 -10.73 -29.19
N PRO B 207 -1.05 -10.02 -29.74
CA PRO B 207 -0.62 -8.91 -30.63
C PRO B 207 0.17 -7.80 -29.92
N ARG B 208 1.18 -7.30 -30.62
CA ARG B 208 2.05 -6.23 -30.10
C ARG B 208 1.22 -4.93 -30.03
N ILE B 209 1.32 -4.22 -28.91
CA ILE B 209 0.69 -2.90 -28.69
C ILE B 209 1.85 -1.89 -28.52
N GLU B 210 1.80 -0.78 -29.24
CA GLU B 210 2.74 0.33 -28.96
C GLU B 210 2.36 1.08 -27.66
N GLY B 211 3.35 1.62 -26.95
CA GLY B 211 3.14 2.50 -25.76
C GLY B 211 4.10 2.21 -24.62
N ASP B 212 3.81 2.82 -23.48
CA ASP B 212 4.65 2.76 -22.32
C ASP B 212 4.27 1.49 -21.51
N PHE B 213 5.27 0.68 -21.19
CA PHE B 213 5.03 -0.57 -20.45
C PHE B 213 5.42 -0.53 -18.99
N THR B 214 5.64 0.65 -18.41
CA THR B 214 5.99 0.70 -16.99
C THR B 214 4.88 0.06 -16.16
N GLY B 215 5.28 -0.89 -15.35
CA GLY B 215 4.33 -1.61 -14.41
C GLY B 215 3.56 -2.73 -15.08
N VAL B 216 3.77 -2.96 -16.36
CA VAL B 216 3.07 -4.03 -17.06
C VAL B 216 3.44 -5.38 -16.53
N GLY B 217 4.72 -5.67 -16.47
CA GLY B 217 5.18 -6.96 -15.99
C GLY B 217 4.80 -7.27 -14.57
N ASP B 218 4.88 -6.27 -13.67
CA ASP B 218 4.47 -6.46 -12.32
C ASP B 218 2.97 -6.71 -12.20
N THR B 219 2.21 -5.98 -12.95
CA THR B 219 0.74 -6.17 -12.99
C THR B 219 0.42 -7.64 -13.38
N LEU B 220 1.05 -8.15 -14.43
CA LEU B 220 0.86 -9.51 -14.87
C LEU B 220 1.16 -10.48 -13.75
N THR B 221 2.31 -10.34 -13.09
CA THR B 221 2.71 -11.20 -12.02
C THR B 221 1.66 -11.33 -10.93
N TYR B 222 1.13 -10.23 -10.47
CA TYR B 222 0.18 -10.25 -9.38
C TYR B 222 -1.23 -10.71 -9.74
N ILE B 223 -1.66 -10.43 -10.97
CA ILE B 223 -2.99 -10.94 -11.49
C ILE B 223 -2.84 -12.50 -11.63
N LEU B 224 -1.75 -12.95 -12.23
CA LEU B 224 -1.47 -14.41 -12.34
C LEU B 224 -1.49 -15.06 -10.97
N LEU B 225 -0.75 -14.54 -10.03
CA LEU B 225 -0.67 -15.09 -8.69
C LEU B 225 -2.08 -15.14 -8.07
N SER B 226 -2.82 -14.05 -8.20
CA SER B 226 -4.16 -13.97 -7.61
C SER B 226 -5.03 -15.06 -8.10
N TRP B 227 -5.03 -15.32 -9.42
CA TRP B 227 -5.80 -16.41 -9.97
C TRP B 227 -5.31 -17.79 -9.56
N ILE B 228 -4.02 -17.98 -9.43
CA ILE B 228 -3.43 -19.26 -8.88
C ILE B 228 -4.01 -19.45 -7.46
N ILE B 229 -3.98 -18.41 -6.68
CA ILE B 229 -4.51 -18.47 -5.33
C ILE B 229 -5.94 -18.80 -5.25
N LYS B 230 -6.77 -18.27 -6.15
CA LYS B 230 -8.18 -18.56 -6.21
C LYS B 230 -8.49 -19.99 -6.77
N GLY B 231 -7.47 -20.72 -7.22
CA GLY B 231 -7.58 -22.16 -7.62
C GLY B 231 -7.83 -22.33 -9.13
N ILE B 232 -7.59 -21.25 -9.93
CA ILE B 232 -7.72 -21.40 -11.39
C ILE B 232 -6.53 -22.16 -11.92
N PRO B 233 -6.67 -23.10 -12.85
CA PRO B 233 -5.52 -23.86 -13.24
C PRO B 233 -4.53 -22.94 -13.93
N LEU B 234 -3.29 -23.30 -13.86
CA LEU B 234 -2.24 -22.35 -14.33
C LEU B 234 -2.46 -21.89 -15.75
N GLU B 235 -2.72 -22.77 -16.70
CA GLU B 235 -2.89 -22.32 -18.08
C GLU B 235 -3.95 -21.25 -18.25
N HIS B 236 -5.10 -21.46 -17.59
CA HIS B 236 -6.12 -20.46 -17.56
C HIS B 236 -5.81 -19.19 -16.78
N ALA B 237 -5.08 -19.27 -15.70
CA ALA B 237 -4.69 -18.17 -14.91
C ALA B 237 -3.74 -17.25 -15.80
N VAL B 238 -2.84 -17.88 -16.50
CA VAL B 238 -1.98 -17.05 -17.43
C VAL B 238 -2.86 -16.37 -18.47
N ASN B 239 -3.78 -17.09 -19.13
CA ASN B 239 -4.65 -16.52 -20.13
C ASN B 239 -5.41 -15.34 -19.55
N ARG B 240 -6.02 -15.48 -18.37
CA ARG B 240 -6.76 -14.38 -17.77
C ARG B 240 -5.86 -13.16 -17.52
N ALA B 241 -4.67 -13.39 -17.01
CA ALA B 241 -3.75 -12.35 -16.63
C ALA B 241 -3.36 -11.61 -17.90
N ILE B 242 -3.01 -12.35 -18.92
CA ILE B 242 -2.53 -11.61 -20.13
C ILE B 242 -3.70 -10.95 -20.81
N SER B 243 -4.88 -11.58 -20.79
CA SER B 243 -6.09 -11.01 -21.32
C SER B 243 -6.44 -9.66 -20.63
N THR B 244 -6.36 -9.64 -19.31
CA THR B 244 -6.59 -8.46 -18.53
C THR B 244 -5.57 -7.34 -18.84
N LEU B 245 -4.31 -7.70 -18.93
CA LEU B 245 -3.32 -6.70 -19.27
C LEU B 245 -3.63 -6.15 -20.64
N GLN B 246 -4.06 -6.97 -21.62
CA GLN B 246 -4.30 -6.45 -22.95
C GLN B 246 -5.42 -5.46 -22.94
N THR B 247 -6.43 -5.78 -22.15
CA THR B 247 -7.57 -4.87 -22.00
C THR B 247 -7.11 -3.56 -21.40
N ILE B 248 -6.27 -3.59 -20.38
CA ILE B 248 -5.79 -2.39 -19.68
C ILE B 248 -5.00 -1.55 -20.72
N LEU B 249 -4.18 -2.25 -21.48
CA LEU B 249 -3.32 -1.54 -22.42
C LEU B 249 -4.13 -0.88 -23.53
N ARG B 250 -5.09 -1.60 -24.09
CA ARG B 250 -6.00 -1.04 -25.12
C ARG B 250 -6.69 0.20 -24.60
N ASN B 251 -6.92 0.31 -23.31
CA ASN B 251 -7.57 1.51 -22.75
C ASN B 251 -6.65 2.61 -22.21
N THR B 252 -5.33 2.43 -22.44
CA THR B 252 -4.32 3.42 -21.99
C THR B 252 -3.97 4.27 -23.17
N VAL B 253 -4.00 5.60 -22.99
CA VAL B 253 -3.83 6.56 -24.10
C VAL B 253 -2.41 7.12 -24.27
N GLY B 254 -1.96 7.04 -25.53
CA GLY B 254 -0.64 7.49 -25.99
C GLY B 254 0.54 7.03 -25.14
N THR B 255 1.13 7.97 -24.42
CA THR B 255 2.39 7.79 -23.74
C THR B 255 2.21 7.47 -22.30
N ALA B 256 0.97 7.46 -21.79
CA ALA B 256 0.78 7.32 -20.36
C ALA B 256 1.20 5.96 -19.86
N GLU B 257 1.64 5.89 -18.61
CA GLU B 257 1.87 4.61 -17.88
C GLU B 257 0.47 4.07 -17.49
N ILE B 258 0.32 2.77 -17.48
CA ILE B 258 -0.99 2.15 -17.17
C ILE B 258 -1.37 2.53 -15.74
N ASN B 259 -2.62 2.92 -15.55
CA ASN B 259 -3.02 3.47 -14.26
C ASN B 259 -3.87 2.42 -13.59
N ILE B 260 -3.25 1.63 -12.72
CA ILE B 260 -3.84 0.50 -12.12
C ILE B 260 -5.04 0.94 -11.30
N ILE B 261 -4.96 2.08 -10.62
CA ILE B 261 -6.08 2.60 -9.82
C ILE B 261 -7.33 2.84 -10.66
N ASN B 262 -7.19 3.49 -11.77
CA ASN B 262 -8.31 3.64 -12.67
C ASN B 262 -8.86 2.39 -13.29
N ILE B 264 -9.01 -0.56 -11.68
CA ILE B 264 -9.34 -1.57 -10.60
C ILE B 264 -10.45 -2.49 -10.98
N PRO B 265 -11.52 -1.99 -11.56
CA PRO B 265 -12.67 -2.86 -12.00
C PRO B 265 -12.34 -3.92 -13.01
N TYR B 266 -11.20 -3.82 -13.71
CA TYR B 266 -10.83 -4.77 -14.75
C TYR B 266 -9.90 -5.88 -14.16
N LEU B 267 -9.29 -5.64 -13.01
CA LEU B 267 -8.27 -6.52 -12.47
C LEU B 267 -8.80 -7.91 -12.27
N LYS B 268 -10.06 -8.03 -11.88
CA LYS B 268 -10.63 -9.38 -11.58
C LYS B 268 -11.36 -9.92 -12.80
N GLY B 269 -10.99 -9.43 -13.96
CA GLY B 269 -11.64 -9.91 -15.17
C GLY B 269 -11.38 -11.41 -15.40
N THR B 270 -12.42 -12.09 -15.95
CA THR B 270 -12.35 -13.56 -16.15
C THR B 270 -12.21 -13.91 -17.60
N GLU B 271 -12.19 -12.94 -18.53
CA GLU B 271 -12.04 -13.28 -19.91
C GLU B 271 -10.75 -13.99 -20.19
N GLU B 272 -10.82 -15.02 -21.02
CA GLU B 272 -9.65 -15.77 -21.53
C GLU B 272 -9.63 -15.58 -23.05
N SER B 273 -8.95 -14.52 -23.49
CA SER B 273 -9.08 -13.99 -24.87
C SER B 273 -8.18 -14.63 -25.88
N PHE B 274 -7.21 -15.38 -25.44
CA PHE B 274 -6.21 -15.92 -26.30
C PHE B 274 -6.26 -17.41 -26.36
N THR B 275 -5.49 -17.95 -27.31
CA THR B 275 -5.45 -19.36 -27.51
C THR B 275 -4.24 -20.02 -26.89
N ILE B 276 -4.47 -21.04 -26.08
CA ILE B 276 -3.42 -21.88 -25.50
C ILE B 276 -2.95 -22.85 -26.59
N THR B 277 -1.67 -22.77 -27.01
CA THR B 277 -1.13 -23.62 -28.10
C THR B 277 -0.11 -24.62 -27.53
N TYR B 278 -0.45 -25.92 -27.53
CA TYR B 278 0.48 -26.89 -27.01
C TYR B 278 1.63 -27.20 -27.95
N ILE B 279 2.85 -27.16 -27.45
CA ILE B 279 4.02 -27.31 -28.28
C ILE B 279 4.75 -28.67 -28.05
N LEU B 280 5.61 -29.07 -28.97
CA LEU B 280 6.55 -30.17 -28.69
C LEU B 280 7.73 -29.76 -27.75
#